data_3WSZ
#
_entry.id   3WSZ
#
_cell.length_a   163.735
_cell.length_b   163.735
_cell.length_c   121.093
_cell.angle_alpha   90.00
_cell.angle_beta   90.00
_cell.angle_gamma   120.00
#
_symmetry.space_group_name_H-M   'P 62 2 2'
#
loop_
_entity.id
_entity.type
_entity.pdbx_description
1 polymer 'Sortilin-related receptor'
2 polymer '10-mer peptide'
3 non-polymer 2-acetamido-2-deoxy-beta-D-glucopyranose
#
loop_
_entity_poly.entity_id
_entity_poly.type
_entity_poly.pdbx_seq_one_letter_code
_entity_poly.pdbx_strand_id
1 'polypeptide(L)'
;EQPEPIKVYGQVSLNDSHNQMVVHWAGEKSNVIVALARDSLALARPKSSDVYVSYDYGKSFKKISDKLNFGLGNRSEAVI
AQFYHSPADNKRYIFADAYAQYLWITFDFCNTLQGFSIPFRAADLLLHSKASNLLLGFDRSHPNKQLWKSDDFGQTWIMI
QEHVKSFSWGIDPYDKPNTIYIERHEPSGYSTVFRSTDFFQSRENQEVILEEVRDFQLRDKYMFATKVVHLLGSEQQSSV
QLWVSFGRKPMRAAQFVTRHPINEYYIADASEDQVFVCVSHSNNRTNLYISEAEGLKFSLSLENVLYYSPGGAGSDTLVR
YFANEPFADFHRVEGLQGVYIATLINGSMNEENMRSVITFDKGGTWEFLQAPAFTGYGEKINCELSQGCSLHLAQRLSQL
LNLQLRRMPILSKESAPGLIIATGSVGKNLASKTNVYISSSAGARWREALPGPHYYTWGDHGGIITAIAQGMETNELKYS
TNEGETWKTFIFSEKPVFVYGLLTEPGEKSTVFTIFGSNKENVHSWLILQVNATDALGVPCTENDYKLWSPSDERGNECL
LGHKTVFKRRTPHATCFNGEDFDRPVVVSNCSCTREDYECDFGFKMSEDLSLEVCVPDPEFSGKSYSPPVPCPVGSTYRR
TRGYRKISGDTCSGGDVEARLEGELVPCPSRLENLYFQ
;
A
2 'polypeptide(L)' AAAAAAAAAA C
#
# COMPACT_ATOMS: atom_id res chain seq x y z
N GLU A 4 -13.73 18.40 -26.37
CA GLU A 4 -13.19 18.50 -25.02
C GLU A 4 -12.02 17.54 -24.82
N PRO A 5 -11.07 17.90 -23.94
CA PRO A 5 -9.84 17.12 -23.77
C PRO A 5 -10.07 15.87 -22.92
N ILE A 6 -11.17 15.86 -22.17
CA ILE A 6 -11.41 14.81 -21.20
C ILE A 6 -12.85 14.32 -21.28
N LYS A 7 -13.03 13.03 -21.48
CA LYS A 7 -14.37 12.49 -21.61
C LYS A 7 -14.78 11.74 -20.35
N VAL A 8 -16.02 11.89 -19.92
CA VAL A 8 -16.55 11.06 -18.85
C VAL A 8 -17.10 9.76 -19.45
N TYR A 9 -16.26 8.74 -19.45
CA TYR A 9 -16.54 7.45 -20.09
C TYR A 9 -17.74 6.70 -19.52
N GLY A 10 -18.02 6.90 -18.22
CA GLY A 10 -19.16 6.27 -17.58
C GLY A 10 -19.56 6.91 -16.26
N GLN A 11 -20.87 7.00 -16.01
CA GLN A 11 -21.37 7.45 -14.72
C GLN A 11 -22.29 6.39 -14.16
N VAL A 12 -21.88 5.78 -13.06
CA VAL A 12 -22.67 4.72 -12.50
C VAL A 12 -23.16 5.08 -11.10
N SER A 13 -24.47 5.24 -10.94
CA SER A 13 -25.05 5.44 -9.63
C SER A 13 -25.53 4.10 -9.11
N LEU A 14 -24.66 3.39 -8.42
CA LEU A 14 -25.09 2.24 -7.64
C LEU A 14 -26.10 2.78 -6.64
N ASN A 15 -27.23 2.13 -6.47
CA ASN A 15 -28.17 2.56 -5.44
C ASN A 15 -27.76 1.92 -4.11
N ASP A 16 -26.56 2.29 -3.64
CA ASP A 16 -25.91 1.60 -2.54
C ASP A 16 -25.52 2.53 -1.40
N SER A 17 -25.90 2.16 -0.18
CA SER A 17 -25.67 3.00 1.00
C SER A 17 -24.63 2.42 1.96
N HIS A 18 -23.91 1.40 1.54
CA HIS A 18 -22.83 0.86 2.35
C HIS A 18 -21.72 1.88 2.47
N ASN A 19 -21.08 1.93 3.63
CA ASN A 19 -20.03 2.92 3.88
C ASN A 19 -18.67 2.52 3.33
N GLN A 20 -18.44 1.22 3.22
CA GLN A 20 -17.13 0.71 2.80
C GLN A 20 -17.17 0.20 1.37
N MET A 21 -16.18 0.57 0.56
CA MET A 21 -16.13 0.18 -0.84
C MET A 21 -14.75 -0.36 -1.21
N VAL A 22 -14.68 -1.65 -1.56
CA VAL A 22 -13.43 -2.27 -1.95
C VAL A 22 -13.42 -2.64 -3.44
N VAL A 23 -12.43 -2.14 -4.16
CA VAL A 23 -12.41 -2.23 -5.62
C VAL A 23 -11.20 -2.99 -6.16
N HIS A 24 -11.45 -3.89 -7.10
CA HIS A 24 -10.37 -4.63 -7.74
C HIS A 24 -10.42 -4.50 -9.25
N TRP A 25 -9.25 -4.34 -9.84
CA TRP A 25 -9.10 -4.39 -11.29
C TRP A 25 -8.45 -5.73 -11.69
N ALA A 26 -9.20 -6.60 -12.38
CA ALA A 26 -8.62 -7.83 -12.92
C ALA A 26 -7.42 -7.44 -13.77
N GLY A 27 -7.62 -6.41 -14.59
CA GLY A 27 -6.54 -5.68 -15.23
C GLY A 27 -5.48 -6.41 -16.03
N GLU A 28 -5.88 -7.32 -16.90
CA GLU A 28 -4.91 -7.95 -17.77
C GLU A 28 -5.28 -7.56 -19.18
N LYS A 29 -5.79 -6.34 -19.29
CA LYS A 29 -6.48 -5.82 -20.47
C LYS A 29 -7.90 -6.37 -20.52
N SER A 30 -8.27 -7.15 -19.51
CA SER A 30 -9.66 -7.50 -19.27
C SER A 30 -10.32 -6.24 -18.73
N ASN A 31 -11.50 -5.88 -19.23
CA ASN A 31 -12.15 -4.67 -18.74
C ASN A 31 -13.03 -5.00 -17.55
N VAL A 32 -12.56 -5.97 -16.76
CA VAL A 32 -13.28 -6.43 -15.59
C VAL A 32 -12.86 -5.65 -14.35
N ILE A 33 -13.86 -5.24 -13.57
CA ILE A 33 -13.64 -4.53 -12.32
C ILE A 33 -14.62 -5.06 -11.28
N VAL A 34 -14.08 -5.55 -10.16
CA VAL A 34 -14.93 -6.09 -9.11
C VAL A 34 -15.02 -5.12 -7.94
N ALA A 35 -16.23 -4.97 -7.40
CA ALA A 35 -16.44 -4.06 -6.28
C ALA A 35 -17.23 -4.69 -5.14
N LEU A 36 -16.67 -4.65 -3.94
CA LEU A 36 -17.38 -5.09 -2.75
C LEU A 36 -17.85 -3.87 -1.94
N ALA A 37 -19.15 -3.70 -1.82
CA ALA A 37 -19.72 -2.66 -0.97
C ALA A 37 -20.14 -3.33 0.32
N ARG A 38 -19.70 -2.78 1.45
CA ARG A 38 -19.92 -3.42 2.75
C ARG A 38 -19.89 -2.42 3.90
N ASP A 39 -19.95 -2.92 5.13
CA ASP A 39 -19.87 -2.07 6.31
C ASP A 39 -18.45 -2.04 6.90
N SER A 40 -18.16 -0.99 7.66
CA SER A 40 -16.85 -0.84 8.30
C SER A 40 -16.55 -2.04 9.21
N LEU A 41 -15.28 -2.31 9.44
CA LEU A 41 -14.88 -3.48 10.22
C LEU A 41 -14.46 -3.14 11.65
N PRO A 46 -19.83 -7.28 10.10
CA PRO A 46 -20.43 -6.56 8.95
C PRO A 46 -21.89 -6.97 8.79
N LYS A 47 -22.80 -6.00 8.67
CA LYS A 47 -24.23 -6.30 8.63
C LYS A 47 -24.73 -6.81 7.27
N SER A 48 -24.28 -6.17 6.19
CA SER A 48 -24.69 -6.60 4.85
C SER A 48 -23.68 -6.24 3.78
N SER A 49 -23.90 -6.74 2.57
CA SER A 49 -23.01 -6.44 1.47
C SER A 49 -23.71 -6.60 0.13
N ASP A 50 -23.10 -5.99 -0.89
CA ASP A 50 -23.51 -6.16 -2.27
C ASP A 50 -22.28 -6.17 -3.17
N VAL A 51 -22.15 -7.22 -3.99
CA VAL A 51 -21.03 -7.30 -4.93
C VAL A 51 -21.46 -6.83 -6.33
N TYR A 52 -20.65 -5.99 -6.95
CA TYR A 52 -20.94 -5.49 -8.30
C TYR A 52 -19.82 -5.90 -9.26
N VAL A 53 -20.10 -5.86 -10.56
CA VAL A 53 -19.08 -6.19 -11.54
C VAL A 53 -19.30 -5.48 -12.88
N SER A 54 -18.23 -4.95 -13.44
CA SER A 54 -18.26 -4.28 -14.72
C SER A 54 -17.40 -5.04 -15.70
N TYR A 55 -17.83 -5.07 -16.96
CA TYR A 55 -17.03 -5.70 -18.01
C TYR A 55 -16.63 -4.70 -19.07
N ASP A 56 -17.18 -3.49 -18.98
CA ASP A 56 -16.87 -2.46 -19.96
C ASP A 56 -16.05 -1.39 -19.30
N TYR A 57 -15.21 -1.82 -18.37
CA TYR A 57 -14.27 -0.96 -17.68
C TYR A 57 -14.94 0.22 -16.97
N GLY A 58 -15.96 -0.09 -16.18
CA GLY A 58 -16.63 0.92 -15.38
C GLY A 58 -17.62 1.80 -16.13
N LYS A 59 -17.86 1.48 -17.40
CA LYS A 59 -18.90 2.17 -18.16
C LYS A 59 -20.25 1.81 -17.54
N SER A 60 -20.43 0.52 -17.23
CA SER A 60 -21.64 0.02 -16.62
C SER A 60 -21.32 -1.02 -15.56
N PHE A 61 -22.19 -1.16 -14.56
CA PHE A 61 -21.96 -2.13 -13.50
C PHE A 61 -23.16 -3.03 -13.29
N LYS A 62 -22.93 -4.34 -13.26
CA LYS A 62 -23.98 -5.29 -12.98
C LYS A 62 -23.91 -5.70 -11.51
N LYS A 63 -25.00 -5.50 -10.77
CA LYS A 63 -25.08 -5.97 -9.40
C LYS A 63 -25.33 -7.47 -9.35
N ILE A 64 -24.40 -8.22 -8.74
CA ILE A 64 -24.49 -9.67 -8.72
C ILE A 64 -24.63 -10.28 -7.32
N SER A 65 -25.25 -9.54 -6.40
CA SER A 65 -25.42 -10.00 -5.01
C SER A 65 -26.38 -11.17 -4.91
N ASP A 66 -27.39 -11.17 -5.77
CA ASP A 66 -28.40 -12.23 -5.78
C ASP A 66 -27.85 -13.55 -6.32
N LYS A 67 -26.68 -13.51 -6.93
CA LYS A 67 -26.03 -14.72 -7.41
C LYS A 67 -25.19 -15.34 -6.32
N LEU A 68 -25.07 -14.64 -5.21
CA LEU A 68 -24.38 -15.14 -4.02
C LEU A 68 -25.39 -15.64 -3.00
N ASN A 69 -25.86 -16.86 -3.19
CA ASN A 69 -26.87 -17.44 -2.30
C ASN A 69 -26.53 -18.87 -1.93
N PHE A 70 -27.28 -19.40 -0.96
CA PHE A 70 -27.04 -20.73 -0.44
C PHE A 70 -28.01 -21.72 -1.07
N GLY A 71 -28.64 -21.33 -2.17
CA GLY A 71 -29.56 -22.18 -2.89
C GLY A 71 -31.00 -22.01 -2.43
N LEU A 72 -31.90 -22.81 -2.98
CA LEU A 72 -33.31 -22.77 -2.61
C LEU A 72 -33.49 -23.63 -1.36
N GLY A 73 -34.54 -23.33 -0.60
CA GLY A 73 -34.72 -23.94 0.71
C GLY A 73 -33.90 -23.15 1.72
N ASN A 74 -33.12 -22.20 1.22
CA ASN A 74 -32.36 -21.29 2.03
C ASN A 74 -32.32 -19.94 1.32
N ARG A 75 -33.39 -19.18 1.47
CA ARG A 75 -33.49 -17.87 0.84
C ARG A 75 -32.54 -16.84 1.46
N SER A 76 -32.37 -16.95 2.77
CA SER A 76 -31.63 -15.94 3.56
C SER A 76 -30.44 -15.29 2.85
N GLU A 77 -30.34 -13.97 2.99
CA GLU A 77 -29.36 -13.15 2.28
C GLU A 77 -27.95 -13.37 2.82
N ALA A 78 -26.95 -13.36 1.94
CA ALA A 78 -25.57 -13.55 2.36
C ALA A 78 -24.90 -12.21 2.65
N VAL A 79 -23.80 -12.28 3.40
CA VAL A 79 -23.01 -11.10 3.73
C VAL A 79 -21.55 -11.40 3.44
N ILE A 80 -20.97 -10.71 2.47
CA ILE A 80 -19.59 -10.95 2.08
C ILE A 80 -18.61 -10.11 2.89
N ALA A 81 -17.78 -10.77 3.67
CA ALA A 81 -16.76 -10.10 4.47
C ALA A 81 -15.65 -9.57 3.59
N GLN A 82 -15.10 -10.45 2.77
CA GLN A 82 -13.97 -10.11 1.91
C GLN A 82 -14.04 -10.94 0.62
N PHE A 83 -13.36 -10.48 -0.43
CA PHE A 83 -13.20 -11.30 -1.63
C PHE A 83 -11.72 -11.37 -2.03
N TYR A 84 -11.31 -12.50 -2.61
CA TYR A 84 -9.90 -12.76 -2.91
C TYR A 84 -9.67 -12.98 -4.40
N HIS A 85 -8.48 -12.62 -4.88
CA HIS A 85 -8.14 -12.86 -6.27
C HIS A 85 -6.94 -13.80 -6.38
N SER A 86 -6.84 -14.50 -7.50
CA SER A 86 -5.63 -15.28 -7.78
C SER A 86 -4.59 -14.39 -8.43
N PRO A 87 -3.39 -14.30 -7.81
CA PRO A 87 -2.27 -13.57 -8.42
C PRO A 87 -1.78 -14.27 -9.67
N ALA A 88 -2.16 -15.53 -9.83
CA ALA A 88 -1.72 -16.35 -10.96
C ALA A 88 -2.69 -16.27 -12.14
N ASP A 89 -3.96 -16.19 -11.81
CA ASP A 89 -5.01 -16.20 -12.80
C ASP A 89 -6.08 -15.18 -12.46
N ASN A 90 -6.06 -14.05 -13.17
CA ASN A 90 -6.99 -12.95 -12.91
C ASN A 90 -8.44 -13.31 -13.22
N LYS A 91 -8.66 -14.47 -13.82
CA LYS A 91 -10.02 -14.85 -14.19
C LYS A 91 -10.80 -15.28 -12.95
N ARG A 92 -10.08 -15.80 -11.96
CA ARG A 92 -10.71 -16.46 -10.82
C ARG A 92 -10.72 -15.65 -9.51
N TYR A 93 -11.82 -15.78 -8.77
CA TYR A 93 -12.03 -15.08 -7.51
C TYR A 93 -12.71 -15.99 -6.49
N ILE A 94 -12.60 -15.63 -5.21
CA ILE A 94 -13.32 -16.35 -4.15
C ILE A 94 -14.02 -15.34 -3.23
N PHE A 95 -15.25 -15.65 -2.82
CA PHE A 95 -16.04 -14.78 -1.96
C PHE A 95 -16.42 -15.51 -0.66
N ALA A 96 -15.85 -15.05 0.44
CA ALA A 96 -16.06 -15.70 1.74
C ALA A 96 -17.23 -15.06 2.46
N ASP A 97 -18.15 -15.87 2.98
CA ASP A 97 -19.20 -15.31 3.82
C ASP A 97 -18.61 -14.94 5.17
N ALA A 98 -19.17 -13.90 5.80
CA ALA A 98 -18.69 -13.41 7.09
C ALA A 98 -19.15 -14.29 8.24
N TYR A 99 -20.38 -14.77 8.15
CA TYR A 99 -21.01 -15.47 9.26
C TYR A 99 -21.12 -16.97 9.03
N ALA A 100 -21.43 -17.38 7.81
CA ALA A 100 -21.56 -18.81 7.50
C ALA A 100 -20.28 -19.42 6.94
N GLN A 101 -20.07 -20.70 7.23
CA GLN A 101 -18.91 -21.42 6.74
C GLN A 101 -19.13 -21.78 5.29
N TYR A 102 -19.06 -20.77 4.42
CA TYR A 102 -19.51 -20.92 3.03
C TYR A 102 -18.64 -20.10 2.09
N LEU A 103 -18.49 -20.60 0.86
CA LEU A 103 -17.73 -19.89 -0.19
C LEU A 103 -18.54 -19.73 -1.47
N TRP A 104 -17.98 -18.94 -2.39
CA TRP A 104 -18.46 -18.90 -3.75
C TRP A 104 -17.24 -18.78 -4.64
N ILE A 105 -17.05 -19.72 -5.56
CA ILE A 105 -15.88 -19.65 -6.43
C ILE A 105 -16.25 -19.29 -7.88
N THR A 106 -15.26 -18.80 -8.61
CA THR A 106 -15.47 -18.28 -9.95
C THR A 106 -14.22 -18.52 -10.74
N PHE A 107 -14.37 -19.04 -11.96
CA PHE A 107 -13.23 -19.21 -12.84
C PHE A 107 -13.37 -18.34 -14.07
N ASP A 108 -14.55 -17.73 -14.21
CA ASP A 108 -14.87 -16.91 -15.38
C ASP A 108 -15.39 -15.51 -15.04
N PHE A 109 -14.53 -14.66 -14.46
CA PHE A 109 -14.84 -13.24 -14.29
C PHE A 109 -16.24 -12.98 -13.71
N CYS A 110 -16.67 -13.86 -12.81
CA CYS A 110 -17.96 -13.74 -12.14
C CYS A 110 -19.21 -13.87 -13.02
N ASN A 111 -19.08 -14.42 -14.22
CA ASN A 111 -20.28 -14.73 -15.00
C ASN A 111 -21.00 -15.93 -14.40
N THR A 112 -20.26 -16.77 -13.69
CA THR A 112 -20.83 -17.96 -13.04
C THR A 112 -20.20 -18.30 -11.68
N LEU A 113 -21.05 -18.46 -10.66
CA LEU A 113 -20.63 -18.72 -9.29
C LEU A 113 -21.13 -20.07 -8.74
N GLN A 114 -20.36 -20.69 -7.86
CA GLN A 114 -20.77 -21.95 -7.24
C GLN A 114 -20.70 -21.87 -5.72
N GLY A 115 -21.84 -22.05 -5.06
CA GLY A 115 -21.87 -22.06 -3.61
C GLY A 115 -21.31 -23.35 -3.01
N PHE A 116 -20.29 -23.21 -2.16
CA PHE A 116 -19.68 -24.37 -1.49
C PHE A 116 -19.64 -24.23 0.03
N SER A 117 -19.90 -25.33 0.72
CA SER A 117 -19.70 -25.36 2.16
C SER A 117 -18.24 -25.70 2.47
N ILE A 118 -17.77 -25.22 3.62
CA ILE A 118 -16.41 -25.48 4.05
C ILE A 118 -16.42 -25.83 5.52
N PRO A 119 -15.43 -26.61 5.98
CA PRO A 119 -15.34 -27.05 7.38
C PRO A 119 -15.17 -25.90 8.37
N PHE A 120 -14.60 -24.78 7.91
CA PHE A 120 -14.30 -23.66 8.79
C PHE A 120 -14.92 -22.36 8.28
N ARG A 121 -14.98 -21.34 9.12
CA ARG A 121 -15.40 -20.01 8.67
C ARG A 121 -14.25 -19.39 7.93
N ALA A 122 -14.54 -18.75 6.80
CA ALA A 122 -13.48 -18.19 5.98
C ALA A 122 -13.10 -16.81 6.48
N ALA A 123 -12.54 -16.76 7.68
CA ALA A 123 -12.09 -15.51 8.27
C ALA A 123 -10.95 -14.91 7.45
N ASP A 124 -10.04 -15.75 6.97
CA ASP A 124 -8.85 -15.27 6.30
C ASP A 124 -8.26 -16.32 5.35
N LEU A 125 -8.17 -15.98 4.06
CA LEU A 125 -7.66 -16.89 3.03
C LEU A 125 -6.39 -16.38 2.35
N LEU A 126 -5.51 -17.30 1.94
CA LEU A 126 -4.26 -16.91 1.31
C LEU A 126 -4.03 -17.76 0.06
N LEU A 127 -4.10 -17.10 -1.09
CA LEU A 127 -3.98 -17.77 -2.38
C LEU A 127 -2.54 -17.74 -2.89
N HIS A 128 -2.09 -18.87 -3.45
CA HIS A 128 -0.73 -18.97 -3.99
C HIS A 128 -0.57 -18.06 -5.19
N SER A 129 0.63 -17.51 -5.33
CA SER A 129 0.93 -16.63 -6.45
C SER A 129 1.07 -17.37 -7.79
N LYS A 130 1.55 -18.61 -7.76
CA LYS A 130 1.77 -19.39 -8.99
C LYS A 130 0.77 -20.53 -9.19
N ALA A 131 0.57 -21.33 -8.14
CA ALA A 131 -0.33 -22.47 -8.22
C ALA A 131 -1.80 -22.05 -8.07
N SER A 132 -2.39 -21.58 -9.16
CA SER A 132 -3.71 -20.97 -9.12
C SER A 132 -4.79 -21.75 -8.37
N ASN A 133 -4.63 -23.07 -8.30
CA ASN A 133 -5.61 -23.92 -7.64
C ASN A 133 -5.37 -24.10 -6.15
N LEU A 134 -4.29 -23.49 -5.65
CA LEU A 134 -3.79 -23.77 -4.31
C LEU A 134 -3.94 -22.59 -3.35
N LEU A 135 -4.46 -22.85 -2.15
CA LEU A 135 -4.65 -21.78 -1.17
C LEU A 135 -4.72 -22.27 0.28
N LEU A 136 -4.64 -21.32 1.22
CA LEU A 136 -4.71 -21.64 2.64
C LEU A 136 -5.87 -20.90 3.32
N GLY A 137 -6.38 -21.49 4.40
CA GLY A 137 -7.51 -20.92 5.12
C GLY A 137 -7.34 -20.90 6.62
N PHE A 138 -7.91 -19.89 7.29
CA PHE A 138 -7.72 -19.74 8.73
C PHE A 138 -9.00 -19.34 9.46
N ASP A 139 -9.32 -20.11 10.50
CA ASP A 139 -10.50 -19.88 11.34
C ASP A 139 -10.05 -19.16 12.62
N ARG A 140 -10.16 -17.83 12.64
CA ARG A 140 -9.59 -17.02 13.72
C ARG A 140 -10.27 -17.18 15.08
N SER A 141 -11.60 -17.15 15.07
CA SER A 141 -12.37 -17.27 16.30
C SER A 141 -12.72 -18.72 16.57
N HIS A 142 -11.84 -19.61 16.12
CA HIS A 142 -11.93 -21.01 16.49
C HIS A 142 -10.89 -21.27 17.57
N PRO A 143 -11.31 -21.90 18.69
CA PRO A 143 -10.47 -22.12 19.88
C PRO A 143 -9.13 -22.79 19.56
N ASN A 144 -9.09 -23.54 18.47
CA ASN A 144 -7.91 -24.31 18.10
C ASN A 144 -6.91 -23.57 17.22
N LYS A 145 -7.36 -22.51 16.57
CA LYS A 145 -6.56 -21.82 15.57
C LYS A 145 -6.10 -22.81 14.51
N GLN A 146 -7.05 -23.35 13.77
CA GLN A 146 -6.76 -24.35 12.75
C GLN A 146 -6.37 -23.71 11.42
N LEU A 147 -5.41 -24.34 10.75
CA LEU A 147 -4.97 -23.91 9.43
C LEU A 147 -5.45 -24.93 8.39
N TRP A 148 -5.97 -24.46 7.27
CA TRP A 148 -6.53 -25.37 6.27
C TRP A 148 -5.91 -25.16 4.90
N LYS A 149 -5.93 -26.21 4.08
CA LYS A 149 -5.35 -26.19 2.74
C LYS A 149 -6.35 -26.73 1.72
N SER A 150 -6.32 -26.16 0.52
CA SER A 150 -7.14 -26.67 -0.58
C SER A 150 -6.34 -26.78 -1.86
N ASP A 151 -6.60 -27.83 -2.63
CA ASP A 151 -5.89 -28.08 -3.87
C ASP A 151 -6.79 -27.82 -5.07
N ASP A 152 -8.09 -27.80 -4.81
CA ASP A 152 -9.09 -27.60 -5.85
C ASP A 152 -9.66 -26.18 -5.85
N PHE A 153 -8.86 -25.21 -5.43
CA PHE A 153 -9.29 -23.81 -5.37
C PHE A 153 -10.54 -23.63 -4.50
N GLY A 154 -10.49 -24.21 -3.30
CA GLY A 154 -11.48 -23.93 -2.27
C GLY A 154 -12.74 -24.78 -2.24
N GLN A 155 -12.76 -25.88 -3.00
CA GLN A 155 -13.93 -26.76 -3.03
C GLN A 155 -13.90 -27.78 -1.89
N THR A 156 -12.72 -28.34 -1.66
CA THR A 156 -12.52 -29.25 -0.55
C THR A 156 -11.34 -28.78 0.29
N TRP A 157 -11.36 -29.12 1.57
CA TRP A 157 -10.31 -28.67 2.47
C TRP A 157 -9.80 -29.78 3.38
N ILE A 158 -8.56 -29.64 3.83
CA ILE A 158 -8.01 -30.46 4.89
C ILE A 158 -7.25 -29.59 5.89
N MET A 159 -7.22 -30.01 7.14
CA MET A 159 -6.54 -29.23 8.17
C MET A 159 -5.09 -29.70 8.34
N ILE A 160 -4.16 -28.75 8.29
CA ILE A 160 -2.75 -29.10 8.29
C ILE A 160 -1.98 -28.68 9.55
N GLN A 161 -2.64 -27.94 10.45
CA GLN A 161 -2.00 -27.49 11.69
C GLN A 161 -3.00 -26.84 12.65
N GLU A 162 -2.63 -26.83 13.93
CA GLU A 162 -3.43 -26.20 14.98
C GLU A 162 -2.58 -25.26 15.82
N HIS A 163 -3.25 -24.37 16.55
CA HIS A 163 -2.58 -23.39 17.41
C HIS A 163 -1.56 -22.55 16.64
N VAL A 164 -1.99 -21.94 15.55
CA VAL A 164 -1.10 -21.12 14.72
C VAL A 164 -1.31 -19.63 14.97
N LYS A 165 -0.20 -18.90 15.07
CA LYS A 165 -0.23 -17.46 15.35
C LYS A 165 -0.19 -16.65 14.05
N SER A 166 0.73 -17.01 13.17
CA SER A 166 0.86 -16.36 11.87
C SER A 166 1.32 -17.38 10.84
N PHE A 167 1.24 -17.03 9.55
CA PHE A 167 1.64 -17.92 8.47
C PHE A 167 1.79 -17.21 7.14
N SER A 168 2.51 -17.84 6.21
CA SER A 168 2.71 -17.29 4.87
C SER A 168 3.23 -18.36 3.92
N TRP A 169 3.21 -18.05 2.63
CA TRP A 169 3.83 -18.94 1.66
C TRP A 169 5.31 -18.64 1.61
N GLY A 170 6.08 -19.56 1.04
CA GLY A 170 7.49 -19.31 0.82
C GLY A 170 7.64 -18.23 -0.22
N ILE A 171 8.86 -17.76 -0.43
CA ILE A 171 9.12 -16.75 -1.44
C ILE A 171 10.09 -17.25 -2.50
N ASP A 172 9.57 -17.52 -3.70
CA ASP A 172 10.36 -17.98 -4.83
C ASP A 172 11.37 -16.91 -5.26
N PRO A 173 12.61 -17.32 -5.60
CA PRO A 173 13.10 -18.70 -5.70
C PRO A 173 13.70 -19.19 -4.39
N TYR A 174 13.84 -18.28 -3.43
CA TYR A 174 14.56 -18.54 -2.19
C TYR A 174 14.07 -19.81 -1.51
N ASP A 175 12.76 -19.91 -1.33
CA ASP A 175 12.19 -21.11 -0.75
C ASP A 175 11.62 -21.99 -1.83
N LYS A 176 11.82 -23.30 -1.69
CA LYS A 176 11.31 -24.28 -2.64
C LYS A 176 9.80 -24.14 -2.74
N PRO A 177 9.21 -24.64 -3.85
CA PRO A 177 7.75 -24.66 -3.97
C PRO A 177 7.08 -25.34 -2.78
N ASN A 178 5.85 -24.92 -2.48
CA ASN A 178 5.05 -25.48 -1.37
C ASN A 178 5.56 -25.14 0.03
N THR A 179 6.65 -24.39 0.12
CA THR A 179 7.18 -23.95 1.40
C THR A 179 6.12 -23.15 2.14
N ILE A 180 6.02 -23.40 3.44
CA ILE A 180 5.12 -22.63 4.29
C ILE A 180 5.85 -22.27 5.56
N TYR A 181 5.74 -21.01 5.98
CA TYR A 181 6.27 -20.58 7.25
C TYR A 181 5.10 -20.31 8.19
N ILE A 182 5.19 -20.78 9.44
CA ILE A 182 4.17 -20.47 10.46
C ILE A 182 4.76 -20.18 11.85
N GLU A 183 4.03 -19.41 12.65
CA GLU A 183 4.30 -19.26 14.08
C GLU A 183 3.29 -20.11 14.84
N ARG A 184 3.74 -21.13 15.54
CA ARG A 184 2.84 -21.94 16.38
C ARG A 184 2.95 -21.55 17.86
N HIS A 185 1.80 -21.36 18.50
CA HIS A 185 1.74 -20.89 19.88
C HIS A 185 2.38 -21.82 20.89
N GLU A 186 3.21 -21.24 21.75
CA GLU A 186 3.82 -22.00 22.84
C GLU A 186 3.14 -21.66 24.16
N PRO A 187 3.19 -22.59 25.13
CA PRO A 187 2.50 -22.33 26.40
C PRO A 187 3.04 -21.08 27.07
N SER A 188 4.29 -20.75 26.82
CA SER A 188 4.85 -19.48 27.27
C SER A 188 4.00 -18.31 26.76
N GLY A 189 3.25 -18.55 25.70
CA GLY A 189 2.48 -17.50 25.05
C GLY A 189 3.29 -17.01 23.87
N TYR A 190 4.56 -17.40 23.86
CA TYR A 190 5.44 -17.14 22.74
C TYR A 190 5.17 -18.16 21.63
N SER A 191 5.95 -18.08 20.56
CA SER A 191 5.75 -18.99 19.44
C SER A 191 7.07 -19.46 18.84
N THR A 192 7.03 -20.59 18.14
CA THR A 192 8.21 -21.11 17.43
C THR A 192 7.94 -21.20 15.94
N VAL A 193 8.86 -20.68 15.12
CA VAL A 193 8.61 -20.63 13.69
C VAL A 193 9.01 -21.91 12.95
N PHE A 194 8.06 -22.46 12.21
CA PHE A 194 8.27 -23.70 11.45
C PHE A 194 8.37 -23.46 9.95
N ARG A 195 8.90 -24.45 9.24
CA ARG A 195 8.95 -24.44 7.79
C ARG A 195 8.81 -25.84 7.23
N SER A 196 7.77 -26.07 6.44
CA SER A 196 7.56 -27.38 5.84
C SER A 196 7.27 -27.25 4.37
N THR A 197 7.52 -28.32 3.63
CA THR A 197 7.18 -28.36 2.22
C THR A 197 6.16 -29.46 2.00
N ASP A 198 6.01 -30.32 3.01
CA ASP A 198 5.06 -31.42 2.93
C ASP A 198 3.72 -31.03 3.52
N PHE A 199 3.53 -29.72 3.69
CA PHE A 199 2.33 -29.18 4.32
C PHE A 199 2.18 -29.81 5.70
N PHE A 200 3.32 -30.02 6.36
CA PHE A 200 3.38 -30.63 7.69
C PHE A 200 2.71 -32.00 7.75
N GLN A 201 3.10 -32.85 6.81
CA GLN A 201 2.73 -34.25 6.87
C GLN A 201 4.00 -35.07 7.03
N SER A 202 5.13 -34.38 6.96
CA SER A 202 6.41 -35.06 7.07
C SER A 202 7.29 -34.36 8.07
N ARG A 203 7.82 -35.13 9.01
CA ARG A 203 8.82 -34.64 9.94
C ARG A 203 10.13 -34.31 9.25
N GLU A 204 10.47 -35.09 8.24
CA GLU A 204 11.72 -34.86 7.50
C GLU A 204 11.73 -33.48 6.84
N ASN A 205 10.59 -33.08 6.29
CA ASN A 205 10.47 -31.78 5.63
C ASN A 205 9.98 -30.67 6.55
N GLN A 206 9.41 -31.05 7.69
CA GLN A 206 9.12 -30.09 8.75
C GLN A 206 10.47 -29.70 9.36
N GLU A 207 10.63 -28.44 9.73
CA GLU A 207 11.94 -27.93 10.11
C GLU A 207 11.84 -26.68 10.95
N VAL A 208 12.30 -26.76 12.19
CA VAL A 208 12.25 -25.60 13.09
C VAL A 208 13.31 -24.59 12.68
N ILE A 209 12.96 -23.31 12.71
CA ILE A 209 13.88 -22.27 12.27
C ILE A 209 14.16 -21.24 13.37
N LEU A 210 13.28 -21.21 14.37
CA LEU A 210 13.52 -20.42 15.58
C LEU A 210 12.68 -20.92 16.74
N GLU A 211 13.12 -20.59 17.96
CA GLU A 211 12.48 -21.08 19.17
C GLU A 211 12.02 -19.94 20.08
N GLU A 212 10.79 -20.06 20.57
CA GLU A 212 10.27 -19.14 21.57
C GLU A 212 10.40 -17.68 21.14
N VAL A 213 9.75 -17.33 20.04
CA VAL A 213 9.93 -16.01 19.45
C VAL A 213 8.69 -15.15 19.57
N ARG A 214 8.89 -13.87 19.87
CA ARG A 214 7.77 -12.95 20.01
C ARG A 214 7.02 -12.72 18.71
N ASP A 215 7.75 -12.40 17.64
CA ASP A 215 7.11 -12.14 16.35
C ASP A 215 7.98 -12.59 15.18
N PHE A 216 7.36 -12.83 14.04
CA PHE A 216 8.10 -13.31 12.87
C PHE A 216 7.68 -12.60 11.59
N GLN A 217 8.66 -12.15 10.84
CA GLN A 217 8.40 -11.44 9.59
C GLN A 217 9.30 -11.95 8.47
N LEU A 218 8.67 -12.31 7.35
CA LEU A 218 9.37 -12.78 6.17
C LEU A 218 9.49 -11.64 5.15
N ARG A 219 10.71 -11.31 4.72
CA ARG A 219 10.93 -10.17 3.82
C ARG A 219 11.99 -10.45 2.75
N ASP A 220 11.54 -10.85 1.55
CA ASP A 220 12.45 -11.14 0.44
C ASP A 220 13.50 -12.18 0.83
N LYS A 221 14.77 -11.84 0.64
CA LYS A 221 15.86 -12.71 1.04
C LYS A 221 15.90 -12.86 2.57
N TYR A 222 15.67 -11.76 3.28
CA TYR A 222 15.76 -11.75 4.73
C TYR A 222 14.55 -12.35 5.43
N MET A 223 14.80 -12.87 6.62
CA MET A 223 13.76 -13.29 7.53
C MET A 223 14.03 -12.55 8.84
N PHE A 224 12.98 -12.24 9.59
CA PHE A 224 13.17 -11.51 10.84
C PHE A 224 12.36 -12.11 11.97
N ALA A 225 12.78 -11.81 13.20
CA ALA A 225 12.12 -12.32 14.40
C ALA A 225 12.69 -11.67 15.67
N THR A 226 11.82 -11.42 16.65
CA THR A 226 12.25 -10.83 17.90
C THR A 226 12.31 -11.88 19.00
N LYS A 227 13.53 -12.16 19.47
CA LYS A 227 13.72 -13.03 20.60
C LYS A 227 13.78 -12.21 21.88
N VAL A 228 13.11 -12.70 22.92
CA VAL A 228 13.10 -12.04 24.21
C VAL A 228 14.06 -12.73 25.19
N VAL A 229 14.98 -11.94 25.72
CA VAL A 229 15.99 -12.44 26.65
C VAL A 229 15.85 -11.71 27.99
N HIS A 230 15.33 -12.43 28.98
CA HIS A 230 15.10 -11.86 30.31
C HIS A 230 16.25 -12.13 31.26
N LEU A 231 17.14 -11.17 31.43
CA LEU A 231 18.23 -11.34 32.37
C LEU A 231 17.84 -10.99 33.81
N LEU A 232 18.76 -11.18 34.74
CA LEU A 232 18.42 -11.18 36.16
C LEU A 232 19.09 -10.09 36.99
N GLY A 233 20.23 -9.59 36.53
CA GLY A 233 21.00 -8.65 37.34
C GLY A 233 20.49 -7.22 37.40
N SER A 234 19.28 -7.05 37.94
CA SER A 234 18.72 -5.72 38.20
C SER A 234 18.83 -4.75 37.02
N LEU A 242 17.90 -8.22 17.45
CA LEU A 242 16.95 -9.17 16.87
C LEU A 242 17.68 -10.26 16.07
N TRP A 243 16.95 -11.32 15.74
CA TRP A 243 17.51 -12.43 14.98
C TRP A 243 17.22 -12.31 13.47
N VAL A 244 18.25 -12.58 12.66
CA VAL A 244 18.18 -12.35 11.22
C VAL A 244 18.61 -13.57 10.41
N SER A 245 17.86 -13.86 9.35
CA SER A 245 18.35 -14.78 8.33
C SER A 245 18.73 -13.97 7.11
N PHE A 246 19.72 -14.45 6.36
CA PHE A 246 20.11 -13.81 5.12
C PHE A 246 20.32 -14.90 4.09
N GLY A 247 19.46 -14.96 3.08
CA GLY A 247 19.55 -16.03 2.11
C GLY A 247 19.30 -17.34 2.80
N ARG A 248 18.48 -17.27 3.84
CA ARG A 248 17.99 -18.47 4.53
C ARG A 248 19.07 -19.16 5.37
N LYS A 249 20.28 -18.61 5.36
CA LYS A 249 21.32 -19.08 6.29
C LYS A 249 20.83 -18.86 7.70
N PRO A 250 21.01 -19.87 8.57
CA PRO A 250 20.39 -19.91 9.91
C PRO A 250 20.46 -18.60 10.66
N MET A 251 19.48 -18.34 11.51
CA MET A 251 19.29 -17.01 12.10
C MET A 251 20.19 -16.72 13.29
N ARG A 252 20.88 -15.58 13.24
CA ARG A 252 21.78 -15.15 14.30
C ARG A 252 21.50 -13.71 14.69
N ALA A 253 21.65 -13.40 15.98
CA ALA A 253 21.36 -12.06 16.50
C ALA A 253 22.30 -11.00 15.91
N ALA A 254 21.76 -9.81 15.67
CA ALA A 254 22.54 -8.73 15.10
C ALA A 254 23.09 -7.79 16.16
N GLN A 255 24.32 -7.35 15.98
CA GLN A 255 24.95 -6.41 16.89
C GLN A 255 24.36 -5.02 16.71
N PHE A 256 24.09 -4.36 17.83
CA PHE A 256 23.59 -2.99 17.83
C PHE A 256 24.50 -2.11 18.67
N VAL A 257 24.85 -0.94 18.15
CA VAL A 257 25.69 0.00 18.88
C VAL A 257 24.87 1.00 19.69
N THR A 258 24.59 0.65 20.95
CA THR A 258 23.79 1.50 21.82
C THR A 258 24.32 1.53 23.25
N ARG A 259 23.98 2.59 23.97
CA ARG A 259 24.17 2.66 25.41
C ARG A 259 22.82 2.52 26.09
N HIS A 260 21.77 2.88 25.38
CA HIS A 260 20.41 2.77 25.89
C HIS A 260 19.80 1.41 25.54
N PRO A 261 18.94 0.87 26.42
CA PRO A 261 18.31 -0.44 26.21
C PRO A 261 17.27 -0.36 25.10
N ILE A 262 16.97 -1.49 24.46
CA ILE A 262 16.03 -1.52 23.36
C ILE A 262 14.73 -2.22 23.76
N ASN A 263 13.61 -1.62 23.38
CA ASN A 263 12.30 -2.15 23.76
C ASN A 263 11.50 -2.76 22.61
N GLU A 264 11.53 -2.11 21.45
CA GLU A 264 10.69 -2.50 20.33
C GLU A 264 11.45 -2.48 19.01
N TYR A 265 11.19 -3.47 18.17
CA TYR A 265 11.82 -3.56 16.85
C TYR A 265 10.79 -3.42 15.72
N TYR A 266 11.21 -2.80 14.61
CA TYR A 266 10.32 -2.63 13.47
C TYR A 266 11.12 -2.54 12.19
N ILE A 267 10.78 -3.37 11.20
CA ILE A 267 11.50 -3.39 9.94
C ILE A 267 10.91 -2.40 8.95
N ALA A 268 11.64 -1.32 8.72
CA ALA A 268 11.12 -0.19 7.95
C ALA A 268 11.17 -0.42 6.44
N ASP A 269 12.26 -1.03 5.97
CA ASP A 269 12.42 -1.36 4.57
C ASP A 269 13.44 -2.49 4.41
N ALA A 270 13.11 -3.45 3.54
CA ALA A 270 14.01 -4.56 3.29
C ALA A 270 14.35 -4.71 1.82
N SER A 271 15.63 -4.55 1.53
CA SER A 271 16.21 -4.87 0.23
C SER A 271 17.51 -5.59 0.56
N GLU A 272 17.97 -6.43 -0.34
CA GLU A 272 19.22 -7.15 -0.09
C GLU A 272 20.36 -6.19 0.27
N ASP A 273 21.13 -6.57 1.29
CA ASP A 273 22.37 -5.91 1.69
C ASP A 273 22.24 -4.65 2.58
N GLN A 274 21.05 -4.06 2.64
CA GLN A 274 20.81 -2.91 3.51
C GLN A 274 19.43 -3.05 4.12
N VAL A 275 19.34 -3.04 5.44
CA VAL A 275 18.05 -3.13 6.09
C VAL A 275 17.84 -1.91 6.97
N PHE A 276 16.63 -1.35 6.93
CA PHE A 276 16.30 -0.23 7.79
C PHE A 276 15.42 -0.69 8.93
N VAL A 277 15.88 -0.47 10.16
CA VAL A 277 15.15 -0.90 11.33
C VAL A 277 14.95 0.25 12.30
N CYS A 278 13.71 0.48 12.68
CA CYS A 278 13.41 1.42 13.74
C CYS A 278 13.60 0.75 15.08
N VAL A 279 14.24 1.47 15.99
CA VAL A 279 14.49 0.97 17.33
C VAL A 279 13.94 1.96 18.35
N SER A 280 12.92 1.54 19.09
CA SER A 280 12.30 2.41 20.08
C SER A 280 12.75 2.00 21.48
N HIS A 281 13.29 2.95 22.23
CA HIS A 281 13.86 2.64 23.52
C HIS A 281 12.90 2.84 24.68
N SER A 282 13.39 2.54 25.88
CA SER A 282 12.66 2.72 27.13
C SER A 282 12.13 4.13 27.26
N ASN A 283 12.96 5.10 26.86
CA ASN A 283 12.64 6.53 26.96
C ASN A 283 11.52 6.95 26.01
N ASN A 284 11.13 6.04 25.12
CA ASN A 284 10.21 6.33 24.02
C ASN A 284 10.83 7.17 22.89
N ARG A 285 12.16 7.21 22.84
CA ARG A 285 12.90 7.76 21.70
C ARG A 285 13.07 6.63 20.69
N THR A 286 12.96 6.95 19.40
CA THR A 286 13.07 5.94 18.35
C THR A 286 14.22 6.28 17.40
N ASN A 287 14.96 5.26 16.98
CA ASN A 287 16.17 5.46 16.17
C ASN A 287 16.22 4.56 14.93
N LEU A 288 17.02 4.96 13.95
CA LEU A 288 17.12 4.22 12.68
C LEU A 288 18.51 3.61 12.42
N TYR A 289 18.55 2.30 12.19
CA TYR A 289 19.81 1.60 11.93
C TYR A 289 19.89 0.94 10.55
N ILE A 290 21.10 0.66 10.08
CA ILE A 290 21.34 0.11 8.74
C ILE A 290 22.39 -1.00 8.72
N SER A 291 22.00 -2.16 8.20
CA SER A 291 22.86 -3.34 8.16
C SER A 291 23.75 -3.44 6.92
N GLU A 292 24.38 -4.60 6.73
CA GLU A 292 25.06 -4.91 5.46
C GLU A 292 25.16 -6.41 5.17
N LYS A 297 25.03 -6.25 12.54
CA LYS A 297 25.91 -5.15 12.17
C LYS A 297 25.07 -3.94 11.78
N PHE A 298 24.67 -3.14 12.77
CA PHE A 298 23.77 -2.02 12.53
C PHE A 298 24.31 -0.66 12.97
N SER A 299 24.78 0.14 12.02
CA SER A 299 25.24 1.49 12.32
C SER A 299 24.05 2.44 12.49
N LEU A 300 24.25 3.53 13.25
CA LEU A 300 23.18 4.50 13.47
C LEU A 300 23.03 5.47 12.30
N SER A 301 21.80 5.63 11.83
CA SER A 301 21.51 6.49 10.70
C SER A 301 20.83 7.79 11.13
N LEU A 302 19.72 7.64 11.84
CA LEU A 302 18.94 8.79 12.26
C LEU A 302 18.19 8.51 13.54
N GLU A 303 18.13 9.51 14.41
CA GLU A 303 17.47 9.38 15.71
C GLU A 303 16.20 10.21 15.79
N ASN A 304 15.34 9.87 16.74
CA ASN A 304 14.08 10.58 16.97
C ASN A 304 13.15 10.60 15.76
N VAL A 305 12.97 9.43 15.16
CA VAL A 305 12.08 9.28 14.02
C VAL A 305 10.68 9.00 14.52
N LEU A 306 9.70 9.67 13.92
CA LEU A 306 8.30 9.49 14.28
C LEU A 306 7.92 8.02 14.09
N TYR A 307 7.62 7.36 15.20
CA TYR A 307 7.30 5.94 15.19
C TYR A 307 6.11 5.67 16.11
N TYR A 308 5.37 4.63 15.79
CA TYR A 308 4.28 4.18 16.63
C TYR A 308 4.40 2.68 16.87
N SER A 309 4.10 2.25 18.09
CA SER A 309 3.79 0.87 18.36
C SER A 309 2.59 0.88 19.29
N PRO A 310 1.82 -0.22 19.34
CA PRO A 310 0.67 -0.27 20.26
C PRO A 310 1.14 -0.14 21.70
N GLY A 311 2.32 -0.70 21.98
CA GLY A 311 2.93 -0.74 23.29
C GLY A 311 2.73 0.44 24.24
N GLY A 312 3.18 1.64 23.86
CA GLY A 312 3.86 1.89 22.60
C GLY A 312 4.54 3.23 22.67
N ALA A 313 5.39 3.53 21.70
CA ALA A 313 6.11 4.80 21.70
C ALA A 313 5.14 5.97 21.73
N GLY A 314 4.16 5.95 20.84
CA GLY A 314 3.13 6.97 20.84
C GLY A 314 1.78 6.51 21.35
N SER A 315 1.77 5.43 22.14
CA SER A 315 0.53 4.72 22.51
C SER A 315 -0.56 5.55 23.17
N ASP A 316 -0.17 6.45 24.07
CA ASP A 316 -1.13 7.23 24.86
C ASP A 316 -2.20 7.84 23.98
N THR A 317 -1.76 8.36 22.84
CA THR A 317 -2.56 9.24 22.02
C THR A 317 -3.65 8.60 21.19
N LEU A 318 -4.20 9.45 20.34
CA LEU A 318 -5.34 9.16 19.50
C LEU A 318 -5.26 7.85 18.75
N VAL A 319 -4.08 7.59 18.20
CA VAL A 319 -3.92 6.58 17.18
C VAL A 319 -4.46 5.21 17.60
N ARG A 320 -4.26 4.88 18.87
CA ARG A 320 -4.61 3.55 19.39
C ARG A 320 -5.95 2.99 18.87
N TYR A 321 -6.93 3.86 18.68
CA TYR A 321 -8.24 3.45 18.15
C TYR A 321 -8.28 3.36 16.64
N PHE A 322 -7.16 3.64 15.98
CA PHE A 322 -7.08 3.62 14.52
C PHE A 322 -6.09 2.54 14.06
N ALA A 323 -4.98 2.42 14.77
CA ALA A 323 -3.93 1.49 14.38
C ALA A 323 -3.68 0.43 15.45
N ASN A 324 -3.80 -0.83 15.05
CA ASN A 324 -3.53 -1.96 15.92
C ASN A 324 -2.13 -2.50 15.67
N GLU A 325 -1.61 -2.21 14.49
CA GLU A 325 -0.29 -2.65 14.08
C GLU A 325 0.67 -1.47 14.02
N PRO A 326 1.87 -1.61 14.60
CA PRO A 326 2.86 -0.53 14.61
C PRO A 326 3.28 -0.13 13.21
N PHE A 327 3.80 1.08 13.09
CA PHE A 327 4.27 1.61 11.81
C PHE A 327 5.02 2.90 12.09
N ALA A 328 5.64 3.46 11.06
CA ALA A 328 6.44 4.66 11.26
C ALA A 328 6.29 5.60 10.07
N ASP A 329 6.54 6.89 10.30
CA ASP A 329 6.54 7.86 9.23
C ASP A 329 7.86 7.77 8.47
N PHE A 330 7.95 6.75 7.61
CA PHE A 330 9.17 6.46 6.87
C PHE A 330 8.81 5.96 5.48
N HIS A 331 9.03 6.82 4.48
CA HIS A 331 8.60 6.52 3.14
C HIS A 331 9.79 6.19 2.28
N ARG A 332 9.71 5.08 1.55
CA ARG A 332 10.69 4.83 0.50
C ARG A 332 10.15 5.26 -0.86
N VAL A 333 10.90 6.13 -1.53
CA VAL A 333 10.57 6.49 -2.92
C VAL A 333 10.74 5.23 -3.78
N GLU A 334 9.65 4.81 -4.42
CA GLU A 334 9.51 3.42 -4.84
C GLU A 334 10.41 2.93 -5.98
N GLY A 335 10.45 3.69 -7.07
CA GLY A 335 11.18 3.23 -8.24
C GLY A 335 12.69 3.21 -8.03
N LEU A 336 13.13 3.85 -6.95
CA LEU A 336 14.55 4.10 -6.77
C LEU A 336 15.23 3.14 -5.81
N GLN A 337 16.52 3.40 -5.61
CA GLN A 337 17.30 2.74 -4.57
C GLN A 337 18.04 3.84 -3.86
N GLY A 338 17.84 3.95 -2.55
CA GLY A 338 18.63 4.88 -1.75
C GLY A 338 17.94 6.14 -1.29
N VAL A 339 16.77 6.41 -1.83
CA VAL A 339 16.08 7.65 -1.49
C VAL A 339 14.90 7.37 -0.57
N TYR A 340 14.92 8.00 0.60
CA TYR A 340 13.85 7.84 1.58
C TYR A 340 13.46 9.18 2.17
N ILE A 341 12.29 9.23 2.78
CA ILE A 341 11.78 10.44 3.41
C ILE A 341 11.11 10.08 4.73
N ALA A 342 11.61 10.66 5.83
CA ALA A 342 11.07 10.36 7.15
C ALA A 342 10.67 11.61 7.92
N THR A 343 9.90 11.40 8.98
CA THR A 343 9.45 12.49 9.84
C THR A 343 10.15 12.44 11.20
N LEU A 344 10.69 13.59 11.61
CA LEU A 344 11.39 13.70 12.89
C LEU A 344 10.55 14.43 13.94
N ILE A 345 10.61 13.94 15.18
CA ILE A 345 9.83 14.51 16.28
C ILE A 345 10.69 14.70 17.54
N ASN A 346 10.33 15.70 18.35
CA ASN A 346 11.00 16.02 19.60
C ASN A 346 9.94 16.00 20.70
N GLY A 347 9.20 17.11 20.79
CA GLY A 347 8.16 17.26 21.79
C GLY A 347 6.92 16.46 21.47
N ASN A 353 5.61 19.38 16.82
CA ASN A 353 7.06 19.41 16.77
C ASN A 353 7.60 18.50 15.66
N MET A 354 6.95 18.51 14.50
CA MET A 354 7.30 17.60 13.41
C MET A 354 8.03 18.29 12.25
N ARG A 355 9.05 17.61 11.71
CA ARG A 355 9.84 18.11 10.58
C ARG A 355 10.21 16.94 9.65
N SER A 356 10.48 17.24 8.38
CA SER A 356 10.76 16.20 7.39
C SER A 356 12.22 16.20 6.89
N VAL A 357 12.78 15.00 6.77
CA VAL A 357 14.16 14.86 6.32
C VAL A 357 14.29 13.85 5.17
N ILE A 358 15.17 14.15 4.22
CA ILE A 358 15.36 13.31 3.05
C ILE A 358 16.81 12.85 2.90
N THR A 359 17.00 11.62 2.45
CA THR A 359 18.34 11.11 2.19
C THR A 359 18.41 10.52 0.79
N PHE A 360 19.32 10.98 -0.05
CA PHE A 360 19.47 10.27 -1.31
C PHE A 360 20.41 9.07 -1.18
N ASP A 361 21.17 9.01 -0.09
CA ASP A 361 21.87 7.77 0.28
C ASP A 361 20.97 6.93 1.18
N LYS A 362 21.24 5.64 1.24
CA LYS A 362 20.47 4.75 2.09
C LYS A 362 20.82 4.97 3.57
N GLY A 363 20.48 6.14 4.09
CA GLY A 363 20.72 6.46 5.48
C GLY A 363 22.15 6.86 5.79
N GLY A 364 22.96 7.00 4.75
CA GLY A 364 24.32 7.46 4.91
C GLY A 364 24.38 8.89 5.42
N THR A 365 23.54 9.75 4.85
CA THR A 365 23.43 11.14 5.27
C THR A 365 21.96 11.52 5.23
N TRP A 366 21.57 12.55 5.99
CA TRP A 366 20.19 13.03 5.94
C TRP A 366 20.20 14.54 5.74
N GLU A 367 19.05 15.12 5.43
CA GLU A 367 19.03 16.53 5.04
C GLU A 367 17.66 17.15 5.31
N PHE A 368 17.58 18.47 5.25
CA PHE A 368 16.30 19.15 5.38
C PHE A 368 15.71 19.43 4.00
N LEU A 369 14.39 19.28 3.87
CA LEU A 369 13.73 19.40 2.57
C LEU A 369 13.58 20.85 2.12
N GLN A 370 14.34 21.22 1.10
CA GLN A 370 14.36 22.57 0.56
C GLN A 370 13.00 23.00 -0.01
N ALA A 371 12.39 23.99 0.64
CA ALA A 371 11.10 24.52 0.21
C ALA A 371 11.17 25.08 -1.21
N PRO A 372 10.02 25.14 -1.89
CA PRO A 372 9.98 25.66 -3.26
C PRO A 372 10.41 27.12 -3.37
N ALA A 373 10.62 27.57 -4.60
CA ALA A 373 11.08 28.93 -4.87
C ALA A 373 9.92 29.89 -5.12
N PHE A 374 8.71 29.34 -5.29
CA PHE A 374 7.55 30.17 -5.58
C PHE A 374 6.23 29.58 -5.11
N THR A 375 5.15 30.23 -5.48
CA THR A 375 3.81 29.83 -5.08
C THR A 375 2.99 29.39 -6.30
N GLY A 376 3.13 30.14 -7.39
CA GLY A 376 2.33 29.91 -8.57
C GLY A 376 0.97 30.55 -8.41
N LYS A 380 5.39 34.15 -5.14
CA LYS A 380 6.64 33.53 -4.70
C LYS A 380 6.81 33.65 -3.17
N ILE A 381 7.69 32.84 -2.59
CA ILE A 381 7.78 32.76 -1.12
C ILE A 381 9.21 32.54 -0.59
N ASN A 382 9.44 33.00 0.64
CA ASN A 382 10.76 32.98 1.27
C ASN A 382 10.92 31.88 2.32
N CYS A 383 11.93 31.04 2.15
CA CYS A 383 12.24 30.01 3.13
C CYS A 383 13.69 29.58 3.02
N GLU A 384 14.32 29.38 4.18
CA GLU A 384 15.75 29.10 4.21
C GLU A 384 16.15 28.14 5.35
N LEU A 385 17.02 27.19 5.03
CA LEU A 385 17.48 26.18 5.97
C LEU A 385 18.26 26.79 7.15
N SER A 386 19.07 27.79 6.84
CA SER A 386 19.86 28.50 7.84
C SER A 386 18.95 29.16 8.86
N GLN A 387 17.87 29.75 8.38
CA GLN A 387 16.88 30.36 9.25
C GLN A 387 16.21 29.29 10.10
N GLY A 388 16.05 28.10 9.53
CA GLY A 388 15.54 26.95 10.26
C GLY A 388 14.33 26.27 9.64
N CYS A 389 13.85 26.81 8.53
CA CYS A 389 12.64 26.28 7.91
C CYS A 389 12.91 25.45 6.64
N SER A 390 12.12 24.41 6.46
CA SER A 390 12.27 23.53 5.31
C SER A 390 10.89 22.96 4.95
N LEU A 391 10.78 22.33 3.80
CA LEU A 391 9.51 21.72 3.40
C LEU A 391 9.20 20.52 4.28
N HIS A 392 7.97 20.44 4.75
CA HIS A 392 7.58 19.41 5.70
C HIS A 392 6.37 18.62 5.19
N LEU A 393 6.55 17.32 4.96
CA LEU A 393 5.53 16.48 4.33
C LEU A 393 4.76 15.62 5.32
N ALA A 394 3.43 15.75 5.29
CA ALA A 394 2.55 14.96 6.16
C ALA A 394 2.42 13.53 5.67
N GLN A 395 2.64 12.58 6.58
CA GLN A 395 2.53 11.17 6.24
C GLN A 395 1.49 10.49 7.11
N ARG A 396 1.35 9.19 6.93
CA ARG A 396 0.31 8.38 7.58
C ARG A 396 0.10 8.70 9.06
N LEU A 397 1.19 8.74 9.82
CA LEU A 397 1.10 8.91 11.28
C LEU A 397 0.76 10.33 11.69
N SER A 398 1.56 11.29 11.22
CA SER A 398 1.37 12.69 11.56
C SER A 398 -0.01 13.19 11.17
N GLN A 399 -0.57 12.56 10.15
CA GLN A 399 -1.89 12.95 9.65
C GLN A 399 -3.01 12.57 10.62
N LEU A 400 -2.94 11.36 11.17
CA LEU A 400 -3.96 10.91 12.11
C LEU A 400 -3.97 11.79 13.36
N LEU A 401 -2.79 12.26 13.74
CA LEU A 401 -2.63 13.11 14.92
C LEU A 401 -3.26 14.48 14.71
N ASN A 402 -3.11 15.01 13.50
CA ASN A 402 -3.85 16.22 13.13
C ASN A 402 -5.17 15.86 12.50
N LEU A 403 -5.61 14.63 12.71
CA LEU A 403 -6.96 14.25 12.34
C LEU A 403 -7.15 14.21 10.83
N GLN A 404 -6.06 14.15 10.08
CA GLN A 404 -6.21 14.09 8.64
C GLN A 404 -6.52 12.65 8.23
N LEU A 405 -7.75 12.21 8.50
CA LEU A 405 -8.12 10.81 8.38
C LEU A 405 -8.08 10.33 6.94
N ARG A 406 -8.54 11.19 6.05
CA ARG A 406 -8.75 10.80 4.69
C ARG A 406 -7.63 11.33 3.79
N ARG A 407 -6.71 12.08 4.39
CA ARG A 407 -5.64 12.70 3.61
C ARG A 407 -4.63 11.70 3.03
N MET A 408 -3.90 12.16 2.02
CA MET A 408 -3.04 11.29 1.25
C MET A 408 -1.66 11.17 1.86
N PRO A 409 -1.14 9.94 1.94
CA PRO A 409 0.25 9.75 2.34
C PRO A 409 1.10 10.22 1.17
N ILE A 410 2.41 10.22 1.34
CA ILE A 410 3.31 10.57 0.25
C ILE A 410 3.06 9.57 -0.88
N LEU A 411 3.03 10.05 -2.11
CA LEU A 411 2.82 9.18 -3.26
C LEU A 411 4.06 9.08 -4.14
N SER A 412 4.52 7.86 -4.35
CA SER A 412 5.60 7.59 -5.29
C SER A 412 5.43 6.17 -5.80
N LYS A 413 5.59 5.98 -7.11
CA LYS A 413 5.37 4.68 -7.72
C LYS A 413 6.48 4.36 -8.71
N GLU A 414 6.75 3.08 -8.92
CA GLU A 414 7.80 2.67 -9.86
C GLU A 414 7.45 3.01 -11.31
N SER A 415 6.15 3.11 -11.59
CA SER A 415 5.66 3.48 -12.91
C SER A 415 6.07 4.88 -13.31
N ALA A 416 6.42 5.70 -12.33
CA ALA A 416 6.88 7.07 -12.61
C ALA A 416 8.07 7.45 -11.72
N PRO A 417 9.26 6.92 -12.03
CA PRO A 417 10.46 7.08 -11.21
C PRO A 417 10.85 8.54 -10.98
N GLY A 418 11.09 8.87 -9.72
CA GLY A 418 11.54 10.20 -9.36
C GLY A 418 10.40 11.20 -9.33
N LEU A 419 9.18 10.70 -9.48
CA LEU A 419 8.00 11.56 -9.35
C LEU A 419 7.35 11.37 -7.98
N ILE A 420 7.28 12.47 -7.22
CA ILE A 420 6.71 12.45 -5.88
C ILE A 420 5.68 13.58 -5.72
N ILE A 421 4.50 13.22 -5.22
CA ILE A 421 3.48 14.19 -4.86
C ILE A 421 3.17 13.99 -3.39
N ALA A 422 3.02 15.08 -2.64
CA ALA A 422 2.75 14.95 -1.22
C ALA A 422 1.96 16.12 -0.66
N THR A 423 1.40 15.90 0.52
CA THR A 423 0.70 16.96 1.23
C THR A 423 1.55 17.41 2.40
N GLY A 424 1.79 18.71 2.52
CA GLY A 424 2.62 19.22 3.59
C GLY A 424 2.69 20.73 3.69
N SER A 425 3.54 21.22 4.58
CA SER A 425 3.68 22.66 4.82
C SER A 425 5.10 23.20 4.70
N VAL A 426 5.20 24.51 4.57
CA VAL A 426 6.50 25.18 4.56
C VAL A 426 6.64 26.00 5.85
N GLY A 427 7.80 25.88 6.48
CA GLY A 427 8.04 26.51 7.77
C GLY A 427 8.97 25.66 8.61
N LYS A 428 8.97 25.88 9.90
CA LYS A 428 9.80 25.08 10.80
C LYS A 428 9.05 23.87 11.32
N ASN A 429 7.75 23.81 11.01
CA ASN A 429 6.88 22.77 11.56
C ASN A 429 5.68 22.47 10.65
N LEU A 430 5.26 21.21 10.62
CA LEU A 430 4.02 20.82 9.92
C LEU A 430 2.82 21.55 10.52
N ALA A 431 2.24 22.46 9.77
CA ALA A 431 1.06 23.18 10.25
C ALA A 431 -0.20 22.37 10.03
N SER A 432 -1.30 22.84 10.59
CA SER A 432 -2.61 22.30 10.28
C SER A 432 -2.90 22.60 8.81
N LYS A 433 -2.64 23.84 8.41
CA LYS A 433 -2.70 24.24 7.01
C LYS A 433 -1.71 23.43 6.18
N THR A 434 -2.19 22.82 5.11
CA THR A 434 -1.35 21.98 4.25
C THR A 434 -1.65 22.18 2.77
N ASN A 435 -0.64 22.00 1.93
CA ASN A 435 -0.79 22.14 0.48
C ASN A 435 -0.35 20.88 -0.26
N VAL A 436 -0.39 20.93 -1.58
CA VAL A 436 0.11 19.81 -2.39
C VAL A 436 1.44 20.20 -3.05
N TYR A 437 2.46 19.37 -2.83
CA TYR A 437 3.79 19.66 -3.36
C TYR A 437 4.29 18.55 -4.29
N ILE A 438 4.94 18.94 -5.38
CA ILE A 438 5.37 17.99 -6.39
C ILE A 438 6.86 18.14 -6.73
N SER A 439 7.54 17.01 -6.92
CA SER A 439 8.91 17.00 -7.36
C SER A 439 9.13 15.88 -8.36
N SER A 440 9.64 16.22 -9.54
CA SER A 440 10.06 15.21 -10.50
C SER A 440 11.57 15.06 -10.42
N SER A 441 12.09 15.27 -9.22
CA SER A 441 13.51 15.37 -8.98
C SER A 441 13.92 14.46 -7.82
N ALA A 442 13.09 13.44 -7.58
CA ALA A 442 13.26 12.53 -6.45
C ALA A 442 13.24 13.24 -5.09
N GLY A 443 12.75 14.48 -5.07
CA GLY A 443 12.64 15.24 -3.83
C GLY A 443 13.64 16.36 -3.70
N ALA A 444 14.70 16.31 -4.51
CA ALA A 444 15.78 17.29 -4.47
C ALA A 444 15.32 18.73 -4.69
N ARG A 445 14.25 18.90 -5.46
CA ARG A 445 13.72 20.24 -5.76
C ARG A 445 12.20 20.17 -5.80
N TRP A 446 11.53 21.02 -5.02
CA TRP A 446 10.07 20.99 -4.98
C TRP A 446 9.41 22.24 -5.58
N ARG A 447 8.16 22.09 -6.00
CA ARG A 447 7.34 23.23 -6.39
C ARG A 447 6.01 23.16 -5.64
N GLU A 448 5.37 24.32 -5.48
CA GLU A 448 4.04 24.35 -4.87
C GLU A 448 3.01 24.17 -5.97
N ALA A 449 2.29 23.05 -5.91
CA ALA A 449 1.36 22.69 -6.96
C ALA A 449 -0.06 23.14 -6.63
N LEU A 450 -0.56 22.72 -5.48
CA LEU A 450 -1.94 23.03 -5.12
C LEU A 450 -2.02 23.55 -3.70
N PRO A 451 -2.78 24.62 -3.49
CA PRO A 451 -2.86 25.34 -2.22
C PRO A 451 -3.56 24.55 -1.13
N GLY A 452 -4.66 23.89 -1.47
CA GLY A 452 -5.41 23.16 -0.47
C GLY A 452 -4.90 21.74 -0.34
N PRO A 453 -5.62 20.91 0.41
CA PRO A 453 -5.37 19.47 0.34
C PRO A 453 -6.22 18.84 -0.76
N HIS A 454 -5.65 17.88 -1.47
CA HIS A 454 -6.34 17.24 -2.60
C HIS A 454 -6.15 15.74 -2.59
N TYR A 455 -7.10 15.03 -3.18
CA TYR A 455 -6.83 13.65 -3.58
C TYR A 455 -5.94 13.80 -4.80
N TYR A 456 -5.00 12.88 -4.98
CA TYR A 456 -4.16 12.90 -6.17
C TYR A 456 -3.67 11.50 -6.53
N THR A 457 -3.34 11.35 -7.80
CA THR A 457 -2.86 10.11 -8.36
C THR A 457 -2.34 10.44 -9.74
N TRP A 458 -1.87 9.45 -10.48
CA TRP A 458 -1.41 9.71 -11.84
C TRP A 458 -1.54 8.52 -12.76
N GLY A 459 -1.50 8.77 -14.06
CA GLY A 459 -1.61 7.72 -15.05
C GLY A 459 -0.61 7.91 -16.17
N ASP A 460 -0.57 6.94 -17.07
CA ASP A 460 0.33 6.96 -18.20
C ASP A 460 1.80 7.11 -17.82
N HIS A 461 2.21 6.33 -16.83
CA HIS A 461 3.60 6.30 -16.38
C HIS A 461 4.07 7.70 -16.01
N GLY A 462 3.21 8.40 -15.27
CA GLY A 462 3.52 9.70 -14.74
C GLY A 462 3.26 10.82 -15.71
N GLY A 463 2.87 10.46 -16.93
CA GLY A 463 2.62 11.44 -17.97
C GLY A 463 1.52 12.43 -17.63
N ILE A 464 0.55 12.01 -16.82
CA ILE A 464 -0.57 12.88 -16.48
C ILE A 464 -0.99 12.78 -15.01
N ILE A 465 -1.22 13.93 -14.38
CA ILE A 465 -1.54 13.98 -12.95
C ILE A 465 -2.91 14.60 -12.71
N THR A 466 -3.78 13.88 -12.02
CA THR A 466 -5.07 14.45 -11.68
C THR A 466 -5.17 14.74 -10.20
N ALA A 467 -5.88 15.80 -9.86
CA ALA A 467 -6.15 16.08 -8.47
C ALA A 467 -7.60 16.53 -8.30
N ILE A 468 -8.14 16.30 -7.11
CA ILE A 468 -9.49 16.75 -6.77
C ILE A 468 -9.49 17.31 -5.35
N ALA A 469 -10.19 18.42 -5.14
CA ALA A 469 -10.17 19.14 -3.86
C ALA A 469 -10.89 18.39 -2.73
N GLN A 470 -10.23 18.31 -1.58
CA GLN A 470 -10.84 17.69 -0.40
C GLN A 470 -11.74 18.71 0.32
N GLY A 471 -12.72 18.20 1.07
CA GLY A 471 -13.60 19.06 1.85
C GLY A 471 -14.93 19.33 1.16
N MET A 472 -15.11 20.57 0.74
CA MET A 472 -16.35 20.97 0.09
C MET A 472 -16.56 20.12 -1.15
N GLU A 473 -17.83 19.84 -1.47
CA GLU A 473 -18.14 19.10 -2.69
C GLU A 473 -17.70 19.88 -3.92
N THR A 474 -17.07 19.20 -4.87
CA THR A 474 -16.69 19.85 -6.12
C THR A 474 -17.23 19.11 -7.33
N ASN A 475 -16.97 19.68 -8.50
CA ASN A 475 -17.22 19.02 -9.76
C ASN A 475 -16.05 19.36 -10.65
N GLU A 476 -14.97 19.79 -10.01
CA GLU A 476 -13.75 20.14 -10.71
C GLU A 476 -12.67 19.08 -10.56
N LEU A 477 -12.14 18.66 -11.70
CA LEU A 477 -11.03 17.75 -11.74
C LEU A 477 -9.82 18.51 -12.26
N LYS A 478 -8.94 18.91 -11.35
CA LYS A 478 -7.72 19.58 -11.79
C LYS A 478 -6.77 18.53 -12.34
N TYR A 479 -6.14 18.84 -13.48
CA TYR A 479 -5.18 17.92 -14.09
C TYR A 479 -3.96 18.65 -14.63
N SER A 480 -2.87 17.93 -14.83
CA SER A 480 -1.63 18.53 -15.30
C SER A 480 -0.76 17.56 -16.09
N THR A 481 -0.16 18.07 -17.16
CA THR A 481 0.65 17.27 -18.06
C THR A 481 2.13 17.66 -17.99
N ASN A 482 2.43 18.72 -17.23
CA ASN A 482 3.81 19.18 -17.11
C ASN A 482 4.36 19.13 -15.69
N GLU A 483 4.07 18.02 -15.00
CA GLU A 483 4.57 17.76 -13.66
C GLU A 483 4.16 18.83 -12.64
N GLY A 484 2.91 19.27 -12.74
CA GLY A 484 2.33 20.18 -11.76
C GLY A 484 2.66 21.64 -11.98
N GLU A 485 3.43 21.93 -13.02
CA GLU A 485 3.83 23.31 -13.29
C GLU A 485 2.61 24.19 -13.60
N THR A 486 1.69 23.66 -14.38
CA THR A 486 0.42 24.33 -14.62
C THR A 486 -0.72 23.34 -14.47
N TRP A 487 -1.90 23.86 -14.21
CA TRP A 487 -3.07 23.02 -14.05
C TRP A 487 -4.22 23.49 -14.91
N LYS A 488 -5.10 22.57 -15.30
CA LYS A 488 -6.30 22.90 -16.02
C LYS A 488 -7.47 22.26 -15.31
N THR A 489 -8.66 22.84 -15.46
CA THR A 489 -9.83 22.28 -14.80
C THR A 489 -10.73 21.57 -15.79
N PHE A 490 -11.13 20.36 -15.44
CA PHE A 490 -12.19 19.68 -16.17
C PHE A 490 -13.42 19.50 -15.27
N ILE A 491 -14.56 19.98 -15.74
CA ILE A 491 -15.81 19.79 -15.02
C ILE A 491 -16.37 18.41 -15.35
N PHE A 492 -16.38 17.52 -14.37
CA PHE A 492 -16.77 16.14 -14.62
C PHE A 492 -18.24 15.86 -14.31
N SER A 493 -18.87 16.79 -13.59
CA SER A 493 -20.27 16.62 -13.23
C SER A 493 -21.00 17.96 -13.23
N GLU A 494 -22.24 17.96 -13.71
CA GLU A 494 -23.03 19.19 -13.78
C GLU A 494 -23.35 19.68 -12.37
N LYS A 495 -23.58 18.74 -11.46
CA LYS A 495 -23.80 19.05 -10.06
C LYS A 495 -22.58 18.63 -9.25
N PRO A 496 -22.12 19.52 -8.35
CA PRO A 496 -20.98 19.19 -7.48
C PRO A 496 -21.33 18.01 -6.57
N VAL A 497 -20.36 17.12 -6.38
CA VAL A 497 -20.56 15.95 -5.55
C VAL A 497 -19.48 15.85 -4.47
N PHE A 498 -19.81 15.23 -3.34
CA PHE A 498 -18.80 14.92 -2.34
C PHE A 498 -17.88 13.89 -3.00
N VAL A 499 -16.59 13.94 -2.72
CA VAL A 499 -15.66 12.99 -3.32
C VAL A 499 -14.92 12.20 -2.23
N TYR A 500 -14.95 10.87 -2.34
CA TYR A 500 -14.31 10.01 -1.33
C TYR A 500 -13.00 9.41 -1.79
N GLY A 501 -12.71 9.50 -3.08
CA GLY A 501 -11.47 8.95 -3.58
C GLY A 501 -11.24 9.15 -5.07
N LEU A 502 -9.96 9.17 -5.46
CA LEU A 502 -9.57 9.32 -6.85
C LEU A 502 -8.49 8.29 -7.13
N LEU A 503 -8.76 7.34 -8.03
CA LEU A 503 -7.88 6.19 -8.21
C LEU A 503 -7.62 5.85 -9.69
N THR A 504 -6.62 5.03 -9.91
CA THR A 504 -6.32 4.52 -11.23
C THR A 504 -6.20 3.02 -11.11
N GLU A 505 -6.28 2.33 -12.24
CA GLU A 505 -5.87 0.95 -12.26
C GLU A 505 -4.43 0.96 -11.83
N PRO A 506 -4.04 0.03 -10.91
CA PRO A 506 -2.66 0.01 -10.44
C PRO A 506 -1.66 -0.14 -11.57
N GLY A 507 -0.48 0.46 -11.43
CA GLY A 507 0.52 0.45 -12.48
C GLY A 507 0.47 1.75 -13.25
N GLU A 508 -0.68 2.43 -13.18
CA GLU A 508 -0.79 3.77 -13.69
C GLU A 508 -0.37 3.90 -15.16
N LYS A 509 -0.76 2.94 -15.99
CA LYS A 509 -0.38 2.95 -17.39
C LYS A 509 -1.47 3.57 -18.25
N SER A 510 -2.72 3.32 -17.83
CA SER A 510 -3.87 3.86 -18.54
C SER A 510 -3.99 5.36 -18.32
N THR A 511 -4.96 5.97 -18.99
CA THR A 511 -5.26 7.38 -18.79
C THR A 511 -6.70 7.51 -18.32
N VAL A 512 -7.26 6.39 -17.84
CA VAL A 512 -8.57 6.40 -17.20
C VAL A 512 -8.42 6.62 -15.69
N PHE A 513 -9.22 7.53 -15.16
CA PHE A 513 -9.22 7.81 -13.73
C PHE A 513 -10.61 7.60 -13.17
N THR A 514 -10.71 6.89 -12.05
CA THR A 514 -11.99 6.65 -11.44
C THR A 514 -12.23 7.63 -10.31
N ILE A 515 -13.34 8.36 -10.36
CA ILE A 515 -13.73 9.22 -9.26
C ILE A 515 -14.82 8.54 -8.43
N PHE A 516 -14.51 8.24 -7.18
CA PHE A 516 -15.53 7.72 -6.26
C PHE A 516 -16.13 8.87 -5.50
N GLY A 517 -17.44 8.85 -5.31
CA GLY A 517 -18.10 9.93 -4.62
C GLY A 517 -19.56 9.62 -4.37
N SER A 518 -20.28 10.59 -3.85
CA SER A 518 -21.72 10.45 -3.65
C SER A 518 -22.43 11.70 -4.07
N ASN A 519 -23.65 11.54 -4.57
CA ASN A 519 -24.47 12.69 -4.90
C ASN A 519 -24.82 13.46 -3.62
N LYS A 520 -25.20 14.72 -3.77
CA LYS A 520 -25.74 15.49 -2.66
C LYS A 520 -27.04 14.81 -2.25
N GLU A 521 -27.68 15.23 -1.16
CA GLU A 521 -28.90 14.57 -0.70
C GLU A 521 -29.92 14.35 -1.82
N ASN A 522 -30.57 13.18 -1.86
CA ASN A 522 -30.42 12.11 -0.85
C ASN A 522 -29.00 11.57 -0.66
N VAL A 523 -28.53 11.64 0.58
CA VAL A 523 -27.11 11.51 0.88
C VAL A 523 -26.59 10.09 0.80
N HIS A 524 -25.29 10.01 0.55
CA HIS A 524 -24.59 8.74 0.53
C HIS A 524 -25.20 7.67 -0.38
N SER A 525 -25.42 8.02 -1.64
CA SER A 525 -25.61 6.99 -2.64
C SER A 525 -24.31 6.93 -3.42
N TRP A 526 -23.62 5.79 -3.34
CA TRP A 526 -22.34 5.60 -4.03
C TRP A 526 -22.44 5.98 -5.50
N LEU A 527 -21.35 6.53 -6.04
CA LEU A 527 -21.32 7.06 -7.39
C LEU A 527 -19.93 6.79 -8.00
N ILE A 528 -19.88 6.15 -9.16
CA ILE A 528 -18.60 5.83 -9.78
C ILE A 528 -18.44 6.45 -11.16
N LEU A 529 -17.67 7.54 -11.20
CA LEU A 529 -17.45 8.27 -12.45
C LEU A 529 -16.16 7.81 -13.08
N GLN A 530 -16.23 7.53 -14.37
CA GLN A 530 -15.09 6.99 -15.10
C GLN A 530 -14.65 8.04 -16.09
N VAL A 531 -13.53 8.69 -15.77
CA VAL A 531 -13.04 9.82 -16.54
C VAL A 531 -11.91 9.38 -17.48
N ASN A 532 -11.93 9.84 -18.72
CA ASN A 532 -10.99 9.37 -19.72
C ASN A 532 -10.19 10.52 -20.29
N ALA A 533 -8.90 10.56 -19.97
CA ALA A 533 -8.10 11.75 -20.23
C ALA A 533 -7.05 11.63 -21.32
N THR A 534 -7.21 10.70 -22.26
CA THR A 534 -6.20 10.51 -23.30
C THR A 534 -5.98 11.77 -24.12
N ASP A 535 -7.07 12.46 -24.45
CA ASP A 535 -7.01 13.62 -25.34
C ASP A 535 -6.32 14.85 -24.73
N ALA A 536 -6.02 14.78 -23.44
CA ALA A 536 -5.17 15.81 -22.82
C ALA A 536 -3.74 15.60 -23.28
N LEU A 537 -3.35 14.33 -23.41
CA LEU A 537 -2.01 13.94 -23.88
C LEU A 537 -1.95 14.04 -25.40
N GLY A 538 -3.04 13.66 -26.05
CA GLY A 538 -3.19 13.88 -27.47
C GLY A 538 -2.53 12.90 -28.41
N VAL A 539 -1.21 12.80 -28.38
CA VAL A 539 -0.47 12.09 -29.42
C VAL A 539 0.54 11.09 -28.87
N PRO A 540 0.88 10.04 -29.63
CA PRO A 540 1.89 9.12 -29.10
C PRO A 540 3.26 9.79 -29.08
N CYS A 541 4.00 9.59 -27.98
CA CYS A 541 5.32 10.18 -27.84
C CYS A 541 6.30 9.57 -28.84
N THR A 542 7.27 10.36 -29.25
CA THR A 542 8.36 9.88 -30.09
C THR A 542 9.64 10.04 -29.28
N GLU A 543 10.78 9.64 -29.84
CA GLU A 543 12.05 9.70 -29.12
C GLU A 543 12.44 11.13 -28.77
N ASN A 544 11.93 12.09 -29.53
CA ASN A 544 12.19 13.53 -29.30
C ASN A 544 11.74 14.03 -27.94
N ASP A 545 10.82 13.28 -27.32
CA ASP A 545 10.26 13.66 -26.04
C ASP A 545 10.86 12.81 -24.92
N TYR A 546 12.05 12.26 -25.14
CA TYR A 546 12.67 11.47 -24.10
C TYR A 546 14.09 11.93 -23.79
N LYS A 547 14.42 11.84 -22.50
CA LYS A 547 15.72 12.24 -21.98
C LYS A 547 16.21 11.08 -21.12
N LEU A 548 17.52 11.00 -20.91
CA LEU A 548 18.04 10.06 -19.93
C LEU A 548 18.21 10.77 -18.60
N TRP A 549 17.95 10.05 -17.51
CA TRP A 549 17.97 10.67 -16.20
C TRP A 549 18.24 9.67 -15.09
N SER A 550 19.17 10.04 -14.22
CA SER A 550 19.51 9.24 -13.05
C SER A 550 19.45 10.16 -11.84
N PRO A 551 19.11 9.61 -10.65
CA PRO A 551 19.12 10.42 -9.43
C PRO A 551 20.51 11.02 -9.21
N SER A 552 21.52 10.35 -9.76
CA SER A 552 22.88 10.86 -9.81
C SER A 552 22.92 12.26 -10.41
N ASP A 553 22.19 12.46 -11.51
CA ASP A 553 22.14 13.76 -12.18
C ASP A 553 21.68 14.86 -11.23
N GLU A 554 20.72 14.54 -10.36
CA GLU A 554 20.12 15.52 -9.48
C GLU A 554 21.05 15.98 -8.36
N ARG A 555 21.61 15.01 -7.63
CA ARG A 555 22.59 15.36 -6.61
C ARG A 555 23.90 14.62 -6.79
N GLY A 556 24.75 15.16 -7.65
CA GLY A 556 26.03 14.54 -7.91
C GLY A 556 26.74 15.18 -9.09
N ASN A 557 27.36 14.36 -9.94
CA ASN A 557 27.25 12.90 -9.93
C ASN A 557 27.72 12.17 -8.66
N GLU A 558 27.01 11.11 -8.32
CA GLU A 558 27.28 10.33 -7.12
C GLU A 558 26.77 8.92 -7.33
N CYS A 559 27.42 7.95 -6.70
CA CYS A 559 27.03 6.55 -6.85
C CYS A 559 27.17 5.78 -5.55
N LYS A 564 25.14 3.26 -10.82
CA LYS A 564 23.91 4.04 -10.85
C LYS A 564 22.88 3.46 -11.81
N THR A 565 21.63 3.90 -11.66
CA THR A 565 20.54 3.50 -12.54
C THR A 565 20.12 4.68 -13.42
N VAL A 566 20.03 4.47 -14.72
CA VAL A 566 19.60 5.53 -15.62
C VAL A 566 18.25 5.22 -16.27
N PHE A 567 17.33 6.18 -16.15
CA PHE A 567 15.97 6.01 -16.61
C PHE A 567 15.70 6.86 -17.84
N LYS A 568 14.95 6.31 -18.79
CA LYS A 568 14.40 7.14 -19.84
C LYS A 568 13.10 7.75 -19.34
N ARG A 569 13.02 9.08 -19.34
CA ARG A 569 11.82 9.76 -18.89
C ARG A 569 11.31 10.69 -19.96
N ARG A 570 10.00 10.81 -20.05
CA ARG A 570 9.40 11.81 -20.91
C ARG A 570 9.78 13.18 -20.36
N THR A 571 10.31 14.05 -21.20
CA THR A 571 10.61 15.42 -20.78
C THR A 571 9.32 16.06 -20.29
N PRO A 572 9.38 16.79 -19.16
CA PRO A 572 8.22 17.41 -18.51
C PRO A 572 7.25 18.18 -19.43
N HIS A 573 7.77 18.97 -20.36
CA HIS A 573 6.92 19.81 -21.20
C HIS A 573 6.36 19.11 -22.45
N ALA A 574 6.64 17.83 -22.59
CA ALA A 574 6.15 17.08 -23.74
C ALA A 574 4.69 16.67 -23.58
N THR A 575 3.78 17.32 -24.32
CA THR A 575 2.40 16.88 -24.32
C THR A 575 2.21 15.74 -25.31
N CYS A 576 2.18 14.52 -24.79
CA CYS A 576 1.99 13.33 -25.59
C CYS A 576 1.81 12.13 -24.65
N PHE A 577 1.55 10.95 -25.19
CA PHE A 577 1.51 9.77 -24.32
C PHE A 577 2.47 8.68 -24.73
N ASN A 578 3.21 8.18 -23.74
CA ASN A 578 3.82 6.88 -23.89
C ASN A 578 2.65 5.93 -23.78
N GLY A 579 2.69 4.82 -24.49
CA GLY A 579 1.53 3.94 -24.52
C GLY A 579 1.23 3.32 -23.16
N GLU A 580 0.13 2.56 -23.12
CA GLU A 580 -0.18 1.75 -21.96
C GLU A 580 0.85 0.63 -21.88
N ASP A 581 1.31 0.17 -23.05
CA ASP A 581 2.32 -0.89 -23.14
C ASP A 581 3.73 -0.31 -23.07
N PHE A 582 3.83 0.91 -22.55
CA PHE A 582 5.14 1.49 -22.33
C PHE A 582 5.94 0.57 -21.44
N ASP A 583 7.16 0.34 -21.87
CA ASP A 583 8.10 -0.44 -21.09
C ASP A 583 9.31 0.44 -20.84
N ARG A 584 9.36 1.05 -19.67
CA ARG A 584 10.44 1.96 -19.32
C ARG A 584 11.78 1.24 -19.36
N PRO A 585 12.70 1.76 -20.18
CA PRO A 585 14.05 1.20 -20.22
C PRO A 585 14.95 1.71 -19.09
N VAL A 586 15.32 0.81 -18.18
CA VAL A 586 16.28 1.14 -17.12
C VAL A 586 17.63 0.46 -17.35
N VAL A 587 18.70 1.25 -17.31
CA VAL A 587 20.03 0.73 -17.54
C VAL A 587 20.85 0.83 -16.27
N VAL A 588 21.34 -0.30 -15.79
CA VAL A 588 22.15 -0.35 -14.56
C VAL A 588 23.64 -0.45 -14.93
N SER A 589 24.47 0.42 -14.35
CA SER A 589 25.88 0.50 -14.75
C SER A 589 26.84 0.83 -13.62
N ASN A 590 28.08 0.35 -13.76
CA ASN A 590 29.15 0.65 -12.80
C ASN A 590 29.90 1.91 -13.18
N CYS A 591 29.49 3.03 -12.59
CA CYS A 591 30.02 4.33 -12.96
C CYS A 591 31.50 4.51 -12.56
N ALA B 4 -21.14 7.53 4.29
CA ALA B 4 -20.01 7.14 3.45
C ALA B 4 -18.67 7.42 4.14
N ALA B 5 -17.74 6.50 3.95
CA ALA B 5 -16.42 6.65 4.53
C ALA B 5 -15.37 6.52 3.46
N ALA B 6 -14.86 5.32 3.21
CA ALA B 6 -13.65 5.20 2.40
C ALA B 6 -13.69 4.18 1.26
N ALA B 7 -12.71 4.26 0.37
CA ALA B 7 -12.57 3.31 -0.74
C ALA B 7 -11.16 2.71 -0.69
N ALA B 8 -11.06 1.41 -0.94
CA ALA B 8 -9.79 0.71 -0.84
C ALA B 8 -9.47 -0.10 -2.10
N ALA B 9 -8.19 -0.31 -2.40
CA ALA B 9 -7.81 -1.31 -3.40
C ALA B 9 -7.76 -2.70 -2.75
N ALA B 10 -7.13 -3.68 -3.41
CA ALA B 10 -7.05 -5.10 -2.95
C ALA B 10 -8.26 -6.01 -3.25
#